data_7AT2
#
_entry.id   7AT2
#
_cell.length_a   48.190
_cell.length_b   80.137
_cell.length_c   144.940
_cell.angle_alpha   90.000
_cell.angle_beta   90.000
_cell.angle_gamma   90.000
#
_symmetry.space_group_name_H-M   'P 21 21 21'
#
loop_
_entity.id
_entity.type
_entity.pdbx_description
1 polymer 'EstD11 S144A'
2 water water
#
_entity_poly.entity_id   1
_entity_poly.type   'polypeptide(L)'
_entity_poly.pdbx_seq_one_letter_code
;MASEALTMIVNLLRSQRPLQEPTVEQMRAGLEAMAQMSPLPADVELTTVDAGGVPGAWVRVPESDPDRVVLYLHGGGYVI
GSIRTHRDLAQRIARAARCRVLLIDYRLAPEHPHPAAVEDSTRAYRWLLETGSDPKRMAIAGDAAGGGLTVATLVALRDA
GVPLPAAAVCLSPWVDLEGIGESMTTKAAVDPMVQREPLLRMASMYLAGQDPRTPLAAPLYADLRGLPPLLIQVGTAETL
LDDSVRLAERARAAGVQVTLEPWEDMIHVWQAFAAMLPEGQQAIERIGEFLRQHWQ
;
_entity_poly.pdbx_strand_id   A,B
#
# COMPACT_ATOMS: atom_id res chain seq x y z
N ALA A 2 7.29 -33.52 -18.89
CA ALA A 2 6.54 -32.75 -17.85
C ALA A 2 5.04 -33.04 -17.97
N SER A 3 4.29 -32.78 -16.90
CA SER A 3 2.81 -32.92 -16.81
C SER A 3 2.16 -32.13 -17.96
N GLU A 4 0.98 -32.56 -18.41
CA GLU A 4 0.20 -31.86 -19.46
C GLU A 4 -0.29 -30.52 -18.90
N ALA A 5 -0.38 -30.39 -17.58
CA ALA A 5 -0.67 -29.13 -16.86
C ALA A 5 0.33 -28.03 -17.26
N LEU A 6 1.58 -28.37 -17.58
CA LEU A 6 2.58 -27.36 -18.02
C LEU A 6 2.06 -26.62 -19.25
N THR A 7 1.46 -27.32 -20.22
CA THR A 7 0.92 -26.69 -21.45
C THR A 7 -0.10 -25.61 -21.09
N MET A 8 -0.94 -25.86 -20.08
CA MET A 8 -1.99 -24.90 -19.66
C MET A 8 -1.33 -23.64 -19.08
N ILE A 9 -0.30 -23.78 -18.25
CA ILE A 9 0.42 -22.62 -17.66
C ILE A 9 1.13 -21.85 -18.79
N VAL A 10 1.80 -22.55 -19.69
CA VAL A 10 2.49 -21.92 -20.85
C VAL A 10 1.45 -21.13 -21.66
N ASN A 11 0.30 -21.71 -21.94
CA ASN A 11 -0.76 -21.03 -22.73
C ASN A 11 -1.22 -19.77 -21.98
N LEU A 12 -1.42 -19.84 -20.67
CA LEU A 12 -1.80 -18.65 -19.86
C LEU A 12 -0.73 -17.57 -20.02
N LEU A 13 0.55 -17.92 -19.87
CA LEU A 13 1.65 -16.93 -19.85
C LEU A 13 1.85 -16.33 -21.26
N ARG A 14 1.66 -17.11 -22.32
CA ARG A 14 1.86 -16.62 -23.71
C ARG A 14 0.80 -15.57 -24.04
N SER A 15 -0.37 -15.64 -23.40
CA SER A 15 -1.48 -14.68 -23.62
C SER A 15 -1.33 -13.47 -22.68
N GLN A 16 -1.02 -13.70 -21.41
CA GLN A 16 -1.05 -12.60 -20.40
C GLN A 16 0.20 -11.73 -20.56
N ARG A 17 1.37 -12.32 -20.83
CA ARG A 17 2.63 -11.57 -21.09
C ARG A 17 2.78 -10.46 -20.04
N PRO A 18 2.77 -10.78 -18.73
CA PRO A 18 2.71 -9.75 -17.70
C PRO A 18 3.88 -8.75 -17.75
N LEU A 19 5.08 -9.22 -18.14
CA LEU A 19 6.31 -8.38 -18.15
C LEU A 19 6.36 -7.52 -19.42
N GLN A 20 5.41 -7.67 -20.35
CA GLN A 20 5.39 -6.93 -21.64
C GLN A 20 4.33 -5.83 -21.61
N GLU A 21 3.69 -5.56 -20.47
CA GLU A 21 2.64 -4.51 -20.39
C GLU A 21 3.29 -3.15 -20.68
N PRO A 22 2.57 -2.23 -21.34
CA PRO A 22 3.18 -0.99 -21.84
C PRO A 22 3.62 0.02 -20.76
N THR A 23 3.04 -0.03 -19.57
CA THR A 23 3.41 0.87 -18.45
C THR A 23 3.67 0.02 -17.20
N VAL A 24 4.43 0.59 -16.27
CA VAL A 24 4.74 -0.07 -14.97
C VAL A 24 3.44 -0.36 -14.24
N GLU A 25 2.48 0.56 -14.22
CA GLU A 25 1.24 0.34 -13.43
C GLU A 25 0.42 -0.78 -14.07
N GLN A 26 0.42 -0.91 -15.40
CA GLN A 26 -0.28 -2.03 -16.09
C GLN A 26 0.44 -3.35 -15.81
N MET A 27 1.77 -3.34 -15.71
CA MET A 27 2.52 -4.56 -15.33
C MET A 27 2.15 -4.95 -13.90
N ARG A 28 2.12 -3.98 -12.98
CA ARG A 28 1.80 -4.25 -11.55
C ARG A 28 0.38 -4.83 -11.46
N ALA A 29 -0.58 -4.17 -12.12
CA ALA A 29 -2.01 -4.56 -12.06
C ALA A 29 -2.18 -5.93 -12.75
N GLY A 30 -1.46 -6.19 -13.83
CA GLY A 30 -1.53 -7.46 -14.57
C GLY A 30 -1.09 -8.63 -13.71
N LEU A 31 -0.02 -8.47 -12.94
CA LEU A 31 0.48 -9.56 -12.09
C LEU A 31 -0.50 -9.77 -10.93
N GLU A 32 -1.03 -8.69 -10.35
CA GLU A 32 -2.02 -8.79 -9.25
C GLU A 32 -3.27 -9.53 -9.76
N ALA A 33 -3.72 -9.24 -10.98
CA ALA A 33 -4.90 -9.90 -11.59
C ALA A 33 -4.65 -11.40 -11.71
N MET A 34 -3.46 -11.80 -12.17
N MET A 34 -3.46 -11.80 -12.17
CA MET A 34 -3.07 -13.24 -12.33
CA MET A 34 -3.10 -13.24 -12.33
C MET A 34 -3.07 -13.92 -10.96
C MET A 34 -3.07 -13.92 -10.96
N ALA A 35 -2.49 -13.28 -9.94
CA ALA A 35 -2.32 -13.88 -8.59
C ALA A 35 -3.70 -14.20 -7.99
N GLN A 36 -4.71 -13.40 -8.30
CA GLN A 36 -6.11 -13.57 -7.81
C GLN A 36 -6.73 -14.88 -8.30
N MET A 37 -6.18 -15.50 -9.36
N MET A 37 -6.18 -15.50 -9.34
CA MET A 37 -6.63 -16.82 -9.89
CA MET A 37 -6.66 -16.80 -9.87
C MET A 37 -6.37 -17.93 -8.88
C MET A 37 -6.36 -17.94 -8.88
N SER A 38 -5.31 -17.80 -8.06
CA SER A 38 -4.88 -18.79 -7.03
C SER A 38 -5.12 -18.20 -5.64
N PRO A 39 -6.36 -18.20 -5.12
CA PRO A 39 -6.69 -17.49 -3.88
C PRO A 39 -6.27 -18.25 -2.60
N LEU A 40 -6.05 -17.51 -1.51
CA LEU A 40 -5.56 -18.03 -0.19
C LEU A 40 -6.56 -19.05 0.38
N PRO A 41 -6.09 -20.25 0.79
CA PRO A 41 -6.92 -21.16 1.58
C PRO A 41 -7.42 -20.48 2.86
N ALA A 42 -8.54 -20.97 3.41
CA ALA A 42 -9.24 -20.39 4.59
C ALA A 42 -8.36 -20.48 5.83
N ASP A 43 -7.46 -21.47 5.91
CA ASP A 43 -6.66 -21.76 7.14
C ASP A 43 -5.39 -20.88 7.17
N VAL A 44 -5.15 -20.04 6.15
CA VAL A 44 -4.00 -19.10 6.16
C VAL A 44 -4.36 -17.91 7.03
N GLU A 45 -3.48 -17.54 7.97
CA GLU A 45 -3.61 -16.33 8.81
C GLU A 45 -2.56 -15.31 8.34
N LEU A 46 -3.01 -14.14 7.90
N LEU A 46 -3.02 -14.13 7.92
CA LEU A 46 -2.14 -13.03 7.43
CA LEU A 46 -2.19 -13.01 7.43
C LEU A 46 -2.30 -11.85 8.39
C LEU A 46 -2.31 -11.85 8.41
N THR A 47 -1.19 -11.36 8.95
CA THR A 47 -1.14 -10.27 9.96
C THR A 47 -0.20 -9.18 9.45
N THR A 48 -0.70 -7.99 9.16
CA THR A 48 0.16 -6.86 8.74
C THR A 48 1.06 -6.49 9.91
N VAL A 49 2.29 -6.09 9.63
CA VAL A 49 3.27 -5.67 10.67
C VAL A 49 4.17 -4.58 10.09
N ASP A 50 4.63 -3.66 10.93
CA ASP A 50 5.75 -2.76 10.61
C ASP A 50 7.03 -3.49 10.99
N ALA A 51 7.73 -4.07 10.01
CA ALA A 51 8.98 -4.84 10.21
C ALA A 51 10.15 -3.86 10.29
N GLY A 52 10.20 -3.04 11.35
CA GLY A 52 11.30 -2.12 11.65
C GLY A 52 11.44 -1.02 10.62
N GLY A 53 10.33 -0.54 10.06
CA GLY A 53 10.30 0.56 9.07
C GLY A 53 10.08 0.06 7.65
N VAL A 54 9.81 -1.23 7.49
CA VAL A 54 9.44 -1.86 6.20
C VAL A 54 8.10 -2.53 6.40
N PRO A 55 7.05 -2.23 5.59
CA PRO A 55 5.77 -2.90 5.76
C PRO A 55 5.92 -4.39 5.42
N GLY A 56 5.27 -5.23 6.21
CA GLY A 56 5.29 -6.67 5.98
C GLY A 56 3.98 -7.32 6.36
N ALA A 57 3.89 -8.61 6.07
CA ALA A 57 2.78 -9.46 6.52
C ALA A 57 3.36 -10.78 7.04
N TRP A 58 2.99 -11.15 8.25
CA TRP A 58 3.21 -12.52 8.77
C TRP A 58 2.24 -13.45 8.04
N VAL A 59 2.74 -14.55 7.50
CA VAL A 59 1.92 -15.61 6.86
C VAL A 59 2.12 -16.86 7.69
N ARG A 60 1.03 -17.37 8.27
N ARG A 60 1.04 -17.35 8.30
CA ARG A 60 1.01 -18.50 9.24
CA ARG A 60 1.06 -18.52 9.21
C ARG A 60 -0.03 -19.51 8.75
C ARG A 60 -0.02 -19.51 8.75
N VAL A 61 0.26 -20.80 8.88
CA VAL A 61 -0.70 -21.89 8.59
C VAL A 61 -0.77 -22.75 9.85
N PRO A 62 -1.76 -23.65 10.00
CA PRO A 62 -1.95 -24.37 11.26
C PRO A 62 -0.69 -25.05 11.82
N GLU A 63 0.17 -25.63 10.98
CA GLU A 63 1.35 -26.40 11.48
C GLU A 63 2.62 -25.54 11.45
N SER A 64 2.50 -24.22 11.31
CA SER A 64 3.64 -23.26 11.42
C SER A 64 4.31 -23.38 12.81
N ASP A 65 5.58 -23.81 12.89
CA ASP A 65 6.41 -23.68 14.12
C ASP A 65 6.63 -22.18 14.34
N PRO A 66 6.12 -21.62 15.47
CA PRO A 66 6.13 -20.17 15.66
C PRO A 66 7.54 -19.58 15.81
N ASP A 67 8.55 -20.41 16.06
CA ASP A 67 9.95 -19.94 16.30
C ASP A 67 10.80 -20.11 15.04
N ARG A 68 10.23 -20.65 13.96
CA ARG A 68 10.97 -20.76 12.67
C ARG A 68 10.38 -19.76 11.68
N VAL A 69 11.25 -19.03 11.01
CA VAL A 69 10.82 -17.88 10.17
C VAL A 69 11.61 -17.91 8.85
N VAL A 70 10.90 -17.76 7.76
CA VAL A 70 11.49 -17.42 6.43
C VAL A 70 11.17 -15.96 6.15
N LEU A 71 12.21 -15.14 5.95
CA LEU A 71 12.05 -13.80 5.35
C LEU A 71 11.92 -13.99 3.84
N TYR A 72 10.75 -13.71 3.27
CA TYR A 72 10.45 -13.99 1.84
C TYR A 72 10.50 -12.69 1.05
N LEU A 73 11.30 -12.70 -0.02
CA LEU A 73 11.59 -11.53 -0.89
C LEU A 73 10.98 -11.82 -2.26
N HIS A 74 9.88 -11.17 -2.58
CA HIS A 74 9.10 -11.47 -3.81
C HIS A 74 9.86 -11.05 -5.07
N GLY A 75 9.53 -11.71 -6.18
CA GLY A 75 10.04 -11.36 -7.51
C GLY A 75 9.21 -10.28 -8.17
N GLY A 76 9.56 -9.95 -9.40
CA GLY A 76 8.93 -8.87 -10.18
C GLY A 76 9.95 -7.86 -10.68
N GLY A 77 11.20 -8.27 -10.89
CA GLY A 77 12.21 -7.42 -11.58
C GLY A 77 12.61 -6.19 -10.79
N TYR A 78 12.32 -6.17 -9.47
CA TYR A 78 12.57 -5.01 -8.56
C TYR A 78 11.57 -3.89 -8.84
N VAL A 79 10.57 -4.15 -9.68
CA VAL A 79 9.61 -3.12 -10.18
C VAL A 79 8.17 -3.48 -9.84
N ILE A 80 7.80 -4.76 -9.93
CA ILE A 80 6.39 -5.18 -9.69
C ILE A 80 6.38 -6.25 -8.60
N GLY A 81 5.20 -6.79 -8.33
CA GLY A 81 5.00 -7.75 -7.24
C GLY A 81 4.64 -7.04 -5.96
N SER A 82 4.07 -7.77 -5.02
CA SER A 82 3.52 -7.19 -3.79
C SER A 82 3.21 -8.32 -2.82
N ILE A 83 2.75 -7.95 -1.64
CA ILE A 83 2.19 -8.94 -0.68
C ILE A 83 1.05 -9.70 -1.36
N ARG A 84 0.24 -9.03 -2.17
CA ARG A 84 -0.93 -9.66 -2.85
C ARG A 84 -0.46 -10.69 -3.87
N THR A 85 0.60 -10.41 -4.63
CA THR A 85 1.03 -11.33 -5.73
C THR A 85 1.67 -12.58 -5.13
N HIS A 86 2.33 -12.48 -3.97
CA HIS A 86 3.21 -13.55 -3.47
C HIS A 86 2.70 -14.16 -2.16
N ARG A 87 1.55 -13.75 -1.63
CA ARG A 87 1.05 -14.34 -0.35
C ARG A 87 0.72 -15.82 -0.56
N ASP A 88 0.28 -16.24 -1.75
CA ASP A 88 -0.02 -17.69 -1.98
C ASP A 88 1.28 -18.50 -1.98
N LEU A 89 2.32 -18.07 -2.69
CA LEU A 89 3.61 -18.79 -2.67
C LEU A 89 4.12 -18.82 -1.23
N ALA A 90 4.01 -17.70 -0.51
CA ALA A 90 4.46 -17.59 0.91
C ALA A 90 3.75 -18.64 1.76
N GLN A 91 2.42 -18.77 1.66
CA GLN A 91 1.68 -19.72 2.53
C GLN A 91 2.06 -21.15 2.15
N ARG A 92 2.29 -21.44 0.86
CA ARG A 92 2.69 -22.81 0.43
C ARG A 92 4.05 -23.15 1.04
N ILE A 93 4.98 -22.19 1.10
CA ILE A 93 6.31 -22.44 1.71
C ILE A 93 6.14 -22.59 3.22
N ALA A 94 5.33 -21.76 3.87
CA ALA A 94 5.02 -21.85 5.31
C ALA A 94 4.52 -23.26 5.62
N ARG A 95 3.65 -23.79 4.75
CA ARG A 95 2.98 -25.10 4.93
C ARG A 95 4.01 -26.23 4.77
N ALA A 96 4.86 -26.16 3.75
CA ALA A 96 5.85 -27.23 3.46
C ALA A 96 6.98 -27.21 4.49
N ALA A 97 7.46 -26.02 4.87
CA ALA A 97 8.60 -25.85 5.82
C ALA A 97 8.12 -25.85 7.27
N ARG A 98 6.79 -25.86 7.49
CA ARG A 98 6.16 -25.81 8.83
C ARG A 98 6.77 -24.67 9.64
N CYS A 99 6.70 -23.46 9.09
CA CYS A 99 7.29 -22.23 9.69
C CYS A 99 6.35 -21.05 9.46
N ARG A 100 6.68 -19.91 10.06
CA ARG A 100 6.08 -18.60 9.73
C ARG A 100 6.88 -17.97 8.60
N VAL A 101 6.22 -17.20 7.76
CA VAL A 101 6.88 -16.44 6.68
C VAL A 101 6.63 -14.97 6.93
N LEU A 102 7.67 -14.15 6.93
CA LEU A 102 7.53 -12.68 6.89
C LEU A 102 7.68 -12.25 5.43
N LEU A 103 6.59 -11.83 4.83
CA LEU A 103 6.54 -11.36 3.41
C LEU A 103 6.63 -9.85 3.43
N ILE A 104 7.73 -9.25 2.97
CA ILE A 104 7.94 -7.79 3.11
C ILE A 104 7.61 -7.06 1.81
N ASP A 105 7.09 -5.85 1.98
CA ASP A 105 6.83 -4.92 0.87
C ASP A 105 8.06 -4.02 0.72
N TYR A 106 9.16 -4.55 0.21
CA TYR A 106 10.40 -3.76 0.00
C TYR A 106 10.13 -2.70 -1.06
N ARG A 107 10.87 -1.60 -0.98
CA ARG A 107 10.68 -0.45 -1.90
C ARG A 107 10.96 -0.88 -3.34
N LEU A 108 10.09 -0.46 -4.25
CA LEU A 108 10.18 -0.84 -5.69
C LEU A 108 10.68 0.32 -6.54
N ALA A 109 11.42 -0.03 -7.59
CA ALA A 109 11.81 0.86 -8.70
C ALA A 109 10.65 0.95 -9.68
N PRO A 110 10.55 1.98 -10.55
CA PRO A 110 11.51 3.09 -10.62
C PRO A 110 11.43 4.15 -9.51
N GLU A 111 10.39 4.12 -8.68
CA GLU A 111 10.19 5.14 -7.63
C GLU A 111 11.39 5.15 -6.67
N HIS A 112 11.86 3.96 -6.29
CA HIS A 112 12.94 3.77 -5.29
C HIS A 112 14.01 2.85 -5.87
N PRO A 113 15.02 3.43 -6.55
CA PRO A 113 16.06 2.62 -7.19
C PRO A 113 16.94 1.90 -6.16
N HIS A 114 17.73 0.97 -6.68
CA HIS A 114 18.84 0.35 -5.92
C HIS A 114 19.60 1.49 -5.22
N PRO A 115 19.98 1.37 -3.93
CA PRO A 115 19.86 0.16 -3.11
C PRO A 115 18.66 0.05 -2.16
N ALA A 116 17.55 0.72 -2.44
CA ALA A 116 16.39 0.75 -1.55
C ALA A 116 15.95 -0.68 -1.17
N ALA A 117 15.86 -1.60 -2.14
CA ALA A 117 15.35 -2.97 -1.88
C ALA A 117 16.25 -3.66 -0.86
N VAL A 118 17.58 -3.52 -0.99
CA VAL A 118 18.55 -4.21 -0.11
CA VAL A 118 18.55 -4.22 -0.10
C VAL A 118 18.53 -3.54 1.27
N GLU A 119 18.37 -2.22 1.32
CA GLU A 119 18.24 -1.51 2.61
C GLU A 119 17.02 -2.09 3.35
N ASP A 120 15.92 -2.33 2.64
CA ASP A 120 14.67 -2.81 3.28
C ASP A 120 14.79 -4.27 3.72
N SER A 121 15.37 -5.14 2.86
N SER A 121 15.36 -5.14 2.88
CA SER A 121 15.50 -6.57 3.21
CA SER A 121 15.51 -6.58 3.21
C SER A 121 16.41 -6.72 4.45
C SER A 121 16.42 -6.73 4.43
N THR A 122 17.53 -6.00 4.48
CA THR A 122 18.47 -6.06 5.62
C THR A 122 17.80 -5.51 6.87
N ARG A 123 17.04 -4.40 6.74
N ARG A 123 17.04 -4.40 6.74
CA ARG A 123 16.32 -3.78 7.88
CA ARG A 123 16.30 -3.78 7.88
C ARG A 123 15.33 -4.80 8.46
C ARG A 123 15.32 -4.80 8.47
N ALA A 124 14.58 -5.52 7.62
CA ALA A 124 13.57 -6.51 8.06
C ALA A 124 14.27 -7.65 8.80
N TYR A 125 15.39 -8.12 8.27
CA TYR A 125 16.16 -9.22 8.91
C TYR A 125 16.64 -8.77 10.29
N ARG A 126 17.25 -7.59 10.38
N ARG A 126 17.26 -7.59 10.37
CA ARG A 126 17.76 -7.05 11.67
CA ARG A 126 17.75 -7.04 11.67
C ARG A 126 16.58 -6.89 12.64
C ARG A 126 16.57 -6.90 12.64
N TRP A 127 15.40 -6.50 12.14
CA TRP A 127 14.18 -6.36 12.98
C TRP A 127 13.77 -7.73 13.53
N LEU A 128 13.83 -8.78 12.72
CA LEU A 128 13.52 -10.16 13.21
C LEU A 128 14.46 -10.49 14.37
N LEU A 129 15.75 -10.17 14.25
CA LEU A 129 16.74 -10.45 15.33
C LEU A 129 16.37 -9.62 16.57
N GLU A 130 16.04 -8.34 16.38
N GLU A 130 16.05 -8.34 16.38
CA GLU A 130 15.72 -7.39 17.48
CA GLU A 130 15.71 -7.39 17.47
C GLU A 130 14.52 -7.93 18.27
C GLU A 130 14.52 -7.93 18.28
N THR A 131 13.55 -8.55 17.60
CA THR A 131 12.27 -9.00 18.21
C THR A 131 12.38 -10.46 18.64
N GLY A 132 13.56 -11.07 18.52
CA GLY A 132 13.92 -12.31 19.25
C GLY A 132 14.02 -13.55 18.38
N SER A 133 13.90 -13.44 17.04
CA SER A 133 14.14 -14.59 16.12
C SER A 133 15.63 -14.98 16.21
N ASP A 134 15.92 -16.28 16.21
CA ASP A 134 17.31 -16.78 16.25
C ASP A 134 17.72 -17.20 14.84
N PRO A 135 18.89 -16.73 14.36
CA PRO A 135 19.41 -17.11 13.04
C PRO A 135 19.38 -18.61 12.75
N LYS A 136 19.58 -19.48 13.75
CA LYS A 136 19.61 -20.94 13.53
C LYS A 136 18.22 -21.48 13.19
N ARG A 137 17.18 -20.66 13.37
CA ARG A 137 15.77 -21.03 13.06
C ARG A 137 15.22 -20.12 11.96
N MET A 138 16.09 -19.45 11.21
N MET A 138 16.09 -19.45 11.21
CA MET A 138 15.71 -18.47 10.17
CA MET A 138 15.71 -18.47 10.17
C MET A 138 16.23 -18.93 8.81
C MET A 138 16.24 -18.92 8.81
N ALA A 139 15.64 -18.39 7.75
CA ALA A 139 16.09 -18.57 6.36
C ALA A 139 15.65 -17.32 5.60
N ILE A 140 16.33 -17.03 4.51
CA ILE A 140 15.87 -15.99 3.55
C ILE A 140 15.56 -16.72 2.25
N ALA A 141 14.44 -16.41 1.62
CA ALA A 141 14.03 -17.05 0.36
C ALA A 141 13.46 -15.99 -0.56
N GLY A 142 13.57 -16.20 -1.86
CA GLY A 142 12.98 -15.30 -2.82
C GLY A 142 12.98 -15.86 -4.22
N ASP A 143 12.09 -15.34 -5.05
CA ASP A 143 11.96 -15.76 -6.47
C ASP A 143 12.46 -14.64 -7.38
N ALA A 144 13.20 -15.01 -8.44
CA ALA A 144 13.49 -14.11 -9.57
C ALA A 144 14.28 -12.91 -9.02
N ALA A 145 13.82 -11.66 -9.19
CA ALA A 145 14.51 -10.50 -8.59
C ALA A 145 14.70 -10.74 -7.09
N GLY A 146 13.71 -11.33 -6.41
CA GLY A 146 13.79 -11.64 -4.98
C GLY A 146 14.83 -12.70 -4.66
N GLY A 147 15.13 -13.58 -5.62
CA GLY A 147 16.21 -14.56 -5.49
C GLY A 147 17.56 -13.87 -5.55
N GLY A 148 17.72 -12.91 -6.47
CA GLY A 148 18.91 -12.05 -6.47
C GLY A 148 19.00 -11.24 -5.19
N LEU A 149 17.88 -10.69 -4.74
CA LEU A 149 17.84 -9.86 -3.50
C LEU A 149 18.22 -10.72 -2.30
N THR A 150 17.83 -12.00 -2.29
CA THR A 150 18.20 -12.94 -1.20
C THR A 150 19.72 -12.99 -1.09
N VAL A 151 20.42 -13.17 -2.20
CA VAL A 151 21.91 -13.28 -2.19
C VAL A 151 22.49 -11.94 -1.75
N ALA A 152 21.99 -10.83 -2.30
CA ALA A 152 22.50 -9.48 -1.96
C ALA A 152 22.28 -9.20 -0.48
N THR A 153 21.13 -9.61 0.07
CA THR A 153 20.80 -9.39 1.50
C THR A 153 21.81 -10.14 2.37
N LEU A 154 22.10 -11.40 2.02
CA LEU A 154 23.08 -12.20 2.79
C LEU A 154 24.45 -11.52 2.75
N VAL A 155 24.87 -11.05 1.58
CA VAL A 155 26.19 -10.37 1.43
C VAL A 155 26.21 -9.12 2.32
N ALA A 156 25.18 -8.29 2.25
CA ALA A 156 25.12 -7.02 3.00
C ALA A 156 25.09 -7.32 4.51
N LEU A 157 24.32 -8.31 4.94
CA LEU A 157 24.25 -8.68 6.38
C LEU A 157 25.62 -9.14 6.84
N ARG A 158 26.25 -10.01 6.06
CA ARG A 158 27.59 -10.57 6.42
C ARG A 158 28.59 -9.41 6.58
N ASP A 159 28.60 -8.48 5.64
CA ASP A 159 29.56 -7.35 5.61
C ASP A 159 29.33 -6.42 6.80
N ALA A 160 28.13 -6.40 7.37
CA ALA A 160 27.79 -5.58 8.56
C ALA A 160 27.98 -6.36 9.86
N GLY A 161 28.53 -7.57 9.81
CA GLY A 161 28.80 -8.40 11.00
C GLY A 161 27.51 -8.92 11.62
N VAL A 162 26.43 -9.05 10.85
CA VAL A 162 25.14 -9.59 11.35
C VAL A 162 25.19 -11.09 11.19
N PRO A 163 24.74 -11.88 12.20
CA PRO A 163 24.75 -13.34 12.07
C PRO A 163 23.80 -13.80 10.97
N LEU A 164 24.29 -14.68 10.10
CA LEU A 164 23.56 -15.14 8.91
C LEU A 164 22.62 -16.26 9.32
N PRO A 165 21.53 -16.46 8.55
CA PRO A 165 20.55 -17.50 8.88
C PRO A 165 21.06 -18.90 8.55
N ALA A 166 20.25 -19.91 8.87
CA ALA A 166 20.63 -21.33 8.73
C ALA A 166 20.75 -21.71 7.25
N ALA A 167 20.01 -21.06 6.37
CA ALA A 167 19.94 -21.46 4.96
C ALA A 167 19.27 -20.36 4.16
N ALA A 168 19.34 -20.46 2.84
CA ALA A 168 18.67 -19.53 1.93
C ALA A 168 18.21 -20.29 0.69
N VAL A 169 17.16 -19.77 0.06
CA VAL A 169 16.52 -20.42 -1.10
C VAL A 169 16.32 -19.39 -2.18
N CYS A 170 16.75 -19.71 -3.40
CA CYS A 170 16.60 -18.85 -4.60
C CYS A 170 15.77 -19.61 -5.63
N LEU A 171 14.63 -19.06 -6.03
CA LEU A 171 13.75 -19.67 -7.06
C LEU A 171 13.95 -18.87 -8.35
N SER A 172 14.57 -19.47 -9.37
CA SER A 172 14.81 -18.81 -10.67
C SER A 172 15.46 -17.44 -10.44
N PRO A 173 16.56 -17.32 -9.66
CA PRO A 173 17.09 -16.01 -9.33
C PRO A 173 17.56 -15.20 -10.55
N TRP A 174 17.40 -13.89 -10.46
CA TRP A 174 17.93 -12.92 -11.43
C TRP A 174 19.15 -12.22 -10.82
N VAL A 175 20.34 -12.54 -11.31
CA VAL A 175 21.61 -12.04 -10.71
C VAL A 175 22.49 -11.36 -11.76
N ASP A 176 22.13 -11.45 -13.05
CA ASP A 176 22.85 -10.82 -14.18
C ASP A 176 21.92 -9.77 -14.81
N LEU A 177 22.13 -8.50 -14.47
CA LEU A 177 21.23 -7.40 -14.92
C LEU A 177 21.54 -6.99 -16.36
N GLU A 178 22.54 -7.59 -17.02
CA GLU A 178 22.87 -7.32 -18.44
C GLU A 178 22.26 -8.37 -19.37
N GLY A 179 21.79 -9.51 -18.86
CA GLY A 179 21.23 -10.59 -19.69
C GLY A 179 22.24 -11.09 -20.72
N ILE A 180 23.43 -11.48 -20.27
CA ILE A 180 24.54 -11.96 -21.15
C ILE A 180 24.78 -13.45 -20.93
N GLY A 181 23.93 -14.15 -20.17
CA GLY A 181 23.98 -15.62 -20.06
C GLY A 181 23.66 -16.26 -21.39
N GLU A 182 24.24 -17.43 -21.68
CA GLU A 182 23.97 -18.13 -22.95
C GLU A 182 22.46 -18.39 -23.10
N SER A 183 21.78 -18.80 -22.02
CA SER A 183 20.35 -19.21 -22.08
C SER A 183 19.48 -18.00 -22.43
N MET A 184 19.96 -16.77 -22.24
CA MET A 184 19.16 -15.56 -22.59
C MET A 184 18.90 -15.56 -24.10
N THR A 185 19.81 -16.15 -24.89
CA THR A 185 19.61 -16.36 -26.35
C THR A 185 19.00 -17.75 -26.60
N THR A 186 19.58 -18.81 -26.05
CA THR A 186 19.25 -20.21 -26.46
C THR A 186 17.88 -20.66 -25.94
N LYS A 187 17.35 -20.08 -24.85
CA LYS A 187 16.04 -20.49 -24.29
C LYS A 187 14.97 -19.42 -24.55
N ALA A 188 15.27 -18.40 -25.37
CA ALA A 188 14.32 -17.31 -25.68
C ALA A 188 13.04 -17.92 -26.28
N ALA A 189 13.16 -18.96 -27.09
CA ALA A 189 12.03 -19.58 -27.83
C ALA A 189 11.09 -20.34 -26.90
N VAL A 190 11.59 -20.92 -25.80
CA VAL A 190 10.79 -21.78 -24.89
C VAL A 190 10.36 -21.03 -23.63
N ASP A 191 10.82 -19.79 -23.43
CA ASP A 191 10.48 -19.01 -22.20
C ASP A 191 9.27 -18.12 -22.47
N PRO A 192 8.08 -18.45 -21.92
CA PRO A 192 6.87 -17.69 -22.19
C PRO A 192 6.71 -16.42 -21.32
N MET A 193 7.65 -16.15 -20.41
CA MET A 193 7.50 -15.05 -19.42
C MET A 193 8.67 -14.06 -19.48
N VAL A 194 9.91 -14.54 -19.50
CA VAL A 194 11.12 -13.70 -19.36
C VAL A 194 11.89 -13.68 -20.69
N GLN A 195 12.16 -12.46 -21.17
CA GLN A 195 13.04 -12.23 -22.34
C GLN A 195 13.98 -11.09 -21.98
N ARG A 196 15.01 -10.88 -22.80
N ARG A 196 15.01 -10.88 -22.80
CA ARG A 196 16.06 -9.89 -22.53
CA ARG A 196 16.07 -9.89 -22.51
C ARG A 196 15.48 -8.48 -22.47
C ARG A 196 15.48 -8.47 -22.47
N GLU A 197 14.59 -8.12 -23.39
CA GLU A 197 14.09 -6.71 -23.50
C GLU A 197 13.38 -6.29 -22.21
N PRO A 198 12.38 -7.03 -21.68
CA PRO A 198 11.76 -6.67 -20.41
C PRO A 198 12.73 -6.66 -19.22
N LEU A 199 13.66 -7.59 -19.18
CA LEU A 199 14.69 -7.64 -18.10
C LEU A 199 15.51 -6.34 -18.14
N LEU A 200 15.97 -5.91 -19.31
CA LEU A 200 16.80 -4.69 -19.39
C LEU A 200 15.96 -3.47 -19.02
N ARG A 201 14.67 -3.46 -19.38
CA ARG A 201 13.73 -2.37 -19.03
C ARG A 201 13.68 -2.22 -17.50
N MET A 202 13.50 -3.34 -16.80
CA MET A 202 13.37 -3.33 -15.33
C MET A 202 14.74 -3.06 -14.69
N ALA A 203 15.82 -3.59 -15.26
CA ALA A 203 17.18 -3.32 -14.76
C ALA A 203 17.45 -1.81 -14.82
N SER A 204 17.03 -1.14 -15.89
CA SER A 204 17.24 0.33 -16.04
C SER A 204 16.54 1.08 -14.91
N MET A 205 15.30 0.69 -14.60
CA MET A 205 14.51 1.33 -13.52
C MET A 205 15.20 1.09 -12.17
N TYR A 206 15.68 -0.12 -11.91
CA TYR A 206 16.34 -0.48 -10.64
C TYR A 206 17.68 0.25 -10.50
N LEU A 207 18.46 0.29 -11.58
CA LEU A 207 19.87 0.80 -11.51
C LEU A 207 19.92 2.31 -11.54
N ALA A 208 18.99 2.98 -12.23
CA ALA A 208 18.99 4.46 -12.34
C ALA A 208 20.39 4.96 -12.72
N GLY A 209 21.01 4.35 -13.72
CA GLY A 209 22.30 4.77 -14.30
C GLY A 209 23.51 4.14 -13.61
N GLN A 210 23.31 3.40 -12.51
CA GLN A 210 24.43 2.75 -11.78
C GLN A 210 24.98 1.61 -12.64
N ASP A 211 26.25 1.27 -12.39
CA ASP A 211 26.95 0.15 -13.05
C ASP A 211 26.07 -1.09 -12.97
N PRO A 212 25.72 -1.76 -14.09
CA PRO A 212 24.90 -2.96 -14.03
C PRO A 212 25.59 -4.15 -13.34
N ARG A 213 26.89 -4.02 -13.06
CA ARG A 213 27.66 -5.04 -12.30
C ARG A 213 27.86 -4.59 -10.84
N THR A 214 27.15 -3.56 -10.39
CA THR A 214 27.10 -3.16 -8.96
C THR A 214 26.80 -4.41 -8.14
N PRO A 215 27.73 -4.89 -7.27
CA PRO A 215 27.58 -6.19 -6.61
C PRO A 215 26.26 -6.45 -5.87
N LEU A 216 25.71 -5.46 -5.16
CA LEU A 216 24.47 -5.68 -4.37
C LEU A 216 23.24 -5.60 -5.27
N ALA A 217 23.39 -5.13 -6.51
CA ALA A 217 22.30 -5.14 -7.51
C ALA A 217 22.38 -6.41 -8.36
N ALA A 218 23.60 -6.87 -8.63
CA ALA A 218 23.89 -8.00 -9.54
C ALA A 218 24.86 -8.92 -8.82
N PRO A 219 24.37 -9.78 -7.89
CA PRO A 219 25.26 -10.53 -7.01
C PRO A 219 26.12 -11.62 -7.67
N LEU A 220 25.99 -11.81 -8.99
N LEU A 220 26.01 -11.81 -8.98
CA LEU A 220 26.98 -12.56 -9.80
CA LEU A 220 27.00 -12.59 -9.76
C LEU A 220 28.38 -11.93 -9.65
C LEU A 220 28.37 -11.92 -9.66
N TYR A 221 28.44 -10.66 -9.24
CA TYR A 221 29.71 -9.90 -9.08
C TYR A 221 30.02 -9.65 -7.60
N ALA A 222 29.23 -10.19 -6.69
CA ALA A 222 29.40 -10.01 -5.23
C ALA A 222 30.36 -11.06 -4.68
N ASP A 223 30.95 -10.73 -3.53
CA ASP A 223 31.79 -11.67 -2.76
C ASP A 223 30.86 -12.57 -1.94
N LEU A 224 30.79 -13.86 -2.28
CA LEU A 224 29.80 -14.78 -1.65
C LEU A 224 30.41 -15.60 -0.53
N ARG A 225 31.67 -15.37 -0.15
CA ARG A 225 32.31 -16.20 0.88
C ARG A 225 31.55 -16.09 2.20
N GLY A 226 31.32 -17.20 2.89
CA GLY A 226 30.69 -17.22 4.22
C GLY A 226 29.18 -17.35 4.18
N LEU A 227 28.58 -17.42 2.99
CA LEU A 227 27.09 -17.55 2.91
C LEU A 227 26.68 -18.93 3.41
N PRO A 228 25.46 -19.05 3.97
CA PRO A 228 24.96 -20.32 4.46
C PRO A 228 24.50 -21.21 3.32
N PRO A 229 24.13 -22.48 3.59
CA PRO A 229 23.70 -23.39 2.55
C PRO A 229 22.56 -22.79 1.71
N LEU A 230 22.72 -22.92 0.40
CA LEU A 230 21.83 -22.32 -0.63
CA LEU A 230 21.84 -22.32 -0.63
C LEU A 230 21.14 -23.43 -1.41
N LEU A 231 19.83 -23.34 -1.57
CA LEU A 231 19.09 -24.14 -2.54
C LEU A 231 18.72 -23.21 -3.69
N ILE A 232 19.13 -23.56 -4.90
CA ILE A 232 18.74 -22.81 -6.12
C ILE A 232 17.86 -23.75 -6.94
N GLN A 233 16.59 -23.41 -7.12
CA GLN A 233 15.66 -24.15 -8.00
C GLN A 233 15.47 -23.33 -9.27
N VAL A 234 15.57 -23.94 -10.43
CA VAL A 234 15.48 -23.21 -11.72
C VAL A 234 14.91 -24.18 -12.75
N GLY A 235 14.16 -23.65 -13.72
CA GLY A 235 13.60 -24.46 -14.82
C GLY A 235 14.55 -24.47 -16.00
N THR A 236 14.60 -25.57 -16.74
CA THR A 236 15.48 -25.64 -17.94
C THR A 236 14.83 -24.88 -19.11
N ALA A 237 13.54 -24.55 -19.05
CA ALA A 237 12.86 -23.73 -20.08
C ALA A 237 12.85 -22.26 -19.64
N GLU A 238 14.03 -21.76 -19.26
CA GLU A 238 14.18 -20.40 -18.72
C GLU A 238 15.36 -19.70 -19.37
N THR A 239 15.15 -18.48 -19.86
CA THR A 239 16.25 -17.56 -20.24
C THR A 239 17.14 -17.31 -19.03
N LEU A 240 16.60 -17.36 -17.81
CA LEU A 240 17.41 -17.15 -16.58
C LEU A 240 18.10 -18.43 -16.11
N LEU A 241 18.05 -19.53 -16.86
CA LEU A 241 18.75 -20.78 -16.45
C LEU A 241 20.21 -20.47 -16.11
N ASP A 242 20.91 -19.73 -16.98
CA ASP A 242 22.37 -19.52 -16.78
C ASP A 242 22.62 -18.53 -15.65
N ASP A 243 21.62 -17.76 -15.18
CA ASP A 243 21.79 -16.98 -13.93
C ASP A 243 22.01 -17.95 -12.77
N SER A 244 21.20 -19.01 -12.70
CA SER A 244 21.31 -20.02 -11.61
C SER A 244 22.63 -20.79 -11.77
N VAL A 245 23.00 -21.16 -12.99
CA VAL A 245 24.25 -21.95 -13.22
C VAL A 245 25.44 -21.10 -12.78
N ARG A 246 25.49 -19.84 -13.19
CA ARG A 246 26.63 -18.95 -12.86
C ARG A 246 26.62 -18.65 -11.35
N LEU A 247 25.45 -18.48 -10.74
CA LEU A 247 25.38 -18.24 -9.28
C LEU A 247 25.96 -19.44 -8.54
N ALA A 248 25.56 -20.65 -8.94
CA ALA A 248 26.03 -21.90 -8.30
C ALA A 248 27.55 -21.99 -8.43
N GLU A 249 28.08 -21.71 -9.61
CA GLU A 249 29.54 -21.74 -9.86
C GLU A 249 30.24 -20.76 -8.92
N ARG A 250 29.73 -19.53 -8.84
CA ARG A 250 30.38 -18.48 -8.03
C ARG A 250 30.31 -18.84 -6.55
N ALA A 251 29.15 -19.29 -6.08
CA ALA A 251 28.95 -19.64 -4.66
C ALA A 251 29.86 -20.83 -4.29
N ARG A 252 29.93 -21.86 -5.13
CA ARG A 252 30.79 -23.02 -4.83
C ARG A 252 32.26 -22.59 -4.82
N ALA A 253 32.67 -21.70 -5.72
CA ALA A 253 34.06 -21.20 -5.78
C ALA A 253 34.40 -20.43 -4.50
N ALA A 254 33.38 -19.87 -3.83
CA ALA A 254 33.49 -19.11 -2.57
C ALA A 254 33.30 -20.02 -1.34
N GLY A 255 33.19 -21.34 -1.53
CA GLY A 255 33.14 -22.32 -0.44
C GLY A 255 31.75 -22.46 0.16
N VAL A 256 30.73 -21.97 -0.53
CA VAL A 256 29.31 -22.06 -0.06
C VAL A 256 28.79 -23.45 -0.40
N GLN A 257 27.99 -24.02 0.49
CA GLN A 257 27.24 -25.28 0.26
CA GLN A 257 27.26 -25.29 0.24
C GLN A 257 26.06 -24.99 -0.65
N VAL A 258 26.12 -25.41 -1.91
CA VAL A 258 25.09 -25.10 -2.94
C VAL A 258 24.40 -26.38 -3.35
N THR A 259 23.08 -26.36 -3.39
CA THR A 259 22.28 -27.38 -4.11
C THR A 259 21.64 -26.67 -5.29
N LEU A 260 22.08 -27.00 -6.50
CA LEU A 260 21.44 -26.47 -7.74
C LEU A 260 20.50 -27.54 -8.29
N GLU A 261 19.21 -27.25 -8.35
CA GLU A 261 18.17 -28.17 -8.88
C GLU A 261 17.59 -27.62 -10.17
N PRO A 262 18.06 -28.11 -11.34
CA PRO A 262 17.45 -27.76 -12.61
C PRO A 262 16.28 -28.71 -12.88
N TRP A 263 15.06 -28.16 -12.90
CA TRP A 263 13.82 -28.94 -13.14
C TRP A 263 13.54 -28.95 -14.64
N GLU A 264 13.61 -30.13 -15.26
CA GLU A 264 13.45 -30.31 -16.72
C GLU A 264 12.13 -29.70 -17.20
N ASP A 265 12.21 -28.82 -18.20
CA ASP A 265 11.07 -28.22 -18.95
C ASP A 265 10.33 -27.17 -18.12
N MET A 266 10.72 -26.92 -16.86
CA MET A 266 9.95 -25.97 -16.02
C MET A 266 10.21 -24.54 -16.46
N ILE A 267 9.21 -23.69 -16.25
CA ILE A 267 9.25 -22.26 -16.63
C ILE A 267 9.48 -21.41 -15.38
N HIS A 268 9.68 -20.13 -15.60
CA HIS A 268 10.06 -19.14 -14.57
C HIS A 268 9.12 -19.19 -13.37
N VAL A 269 9.66 -19.42 -12.17
CA VAL A 269 8.90 -19.46 -10.89
C VAL A 269 7.64 -20.33 -11.11
N TRP A 270 7.82 -21.51 -11.67
CA TRP A 270 6.74 -22.51 -11.86
C TRP A 270 6.09 -22.84 -10.51
N GLN A 271 6.80 -22.66 -9.39
CA GLN A 271 6.29 -22.90 -8.03
C GLN A 271 5.03 -22.06 -7.78
N ALA A 272 4.95 -20.87 -8.37
CA ALA A 272 3.80 -19.95 -8.17
C ALA A 272 2.51 -20.57 -8.72
N PHE A 273 2.60 -21.56 -9.62
CA PHE A 273 1.45 -22.17 -10.32
C PHE A 273 1.08 -23.52 -9.68
N ALA A 274 1.55 -23.78 -8.46
CA ALA A 274 1.42 -25.06 -7.75
C ALA A 274 -0.05 -25.48 -7.59
N ALA A 275 -1.00 -24.54 -7.60
CA ALA A 275 -2.44 -24.87 -7.50
C ALA A 275 -2.83 -25.83 -8.63
N MET A 276 -2.26 -25.65 -9.83
CA MET A 276 -2.64 -26.39 -11.06
C MET A 276 -1.48 -27.22 -11.61
N LEU A 277 -0.24 -26.93 -11.22
CA LEU A 277 0.97 -27.57 -11.81
C LEU A 277 1.61 -28.49 -10.77
N PRO A 278 1.49 -29.83 -10.93
CA PRO A 278 2.06 -30.77 -9.96
C PRO A 278 3.54 -30.51 -9.65
N GLU A 279 4.35 -30.21 -10.67
CA GLU A 279 5.81 -29.93 -10.48
C GLU A 279 5.99 -28.70 -9.58
N GLY A 280 5.06 -27.75 -9.61
CA GLY A 280 5.08 -26.59 -8.71
C GLY A 280 4.97 -27.02 -7.27
N GLN A 281 4.00 -27.86 -6.92
CA GLN A 281 3.83 -28.34 -5.54
C GLN A 281 5.00 -29.26 -5.17
N GLN A 282 5.48 -30.10 -6.10
CA GLN A 282 6.65 -30.99 -5.84
C GLN A 282 7.86 -30.12 -5.45
N ALA A 283 8.10 -29.03 -6.18
CA ALA A 283 9.26 -28.16 -5.94
C ALA A 283 9.11 -27.49 -4.56
N ILE A 284 7.90 -27.07 -4.19
CA ILE A 284 7.66 -26.41 -2.88
C ILE A 284 7.89 -27.44 -1.77
N GLU A 285 7.46 -28.69 -1.96
CA GLU A 285 7.72 -29.75 -0.95
C GLU A 285 9.23 -29.87 -0.74
N ARG A 286 10.01 -29.79 -1.83
N ARG A 286 10.03 -29.80 -1.83
CA ARG A 286 11.49 -29.88 -1.76
CA ARG A 286 11.51 -29.88 -1.77
C ARG A 286 12.05 -28.68 -0.98
C ARG A 286 12.06 -28.69 -0.99
N ILE A 287 11.52 -27.47 -1.21
CA ILE A 287 11.95 -26.28 -0.43
C ILE A 287 11.75 -26.57 1.06
N GLY A 288 10.56 -27.08 1.43
CA GLY A 288 10.25 -27.41 2.82
C GLY A 288 11.21 -28.42 3.41
N GLU A 289 11.54 -29.46 2.66
N GLU A 289 11.54 -29.47 2.65
CA GLU A 289 12.49 -30.52 3.08
CA GLU A 289 12.48 -30.53 3.08
C GLU A 289 13.86 -29.89 3.34
C GLU A 289 13.85 -29.90 3.34
N PHE A 290 14.33 -29.07 2.41
CA PHE A 290 15.64 -28.40 2.50
C PHE A 290 15.69 -27.53 3.76
N LEU A 291 14.67 -26.70 3.98
CA LEU A 291 14.66 -25.80 5.17
C LEU A 291 14.62 -26.62 6.46
N ARG A 292 13.73 -27.62 6.52
CA ARG A 292 13.58 -28.42 7.76
C ARG A 292 14.88 -29.15 8.06
N GLN A 293 15.61 -29.60 7.02
CA GLN A 293 16.93 -30.27 7.18
C GLN A 293 17.92 -29.32 7.85
N HIS A 294 17.98 -28.06 7.41
CA HIS A 294 19.01 -27.09 7.89
C HIS A 294 18.59 -26.48 9.23
N TRP A 295 17.36 -26.69 9.67
CA TRP A 295 16.87 -26.26 11.00
C TRP A 295 17.02 -27.38 12.05
N GLN A 296 17.35 -28.60 11.64
CA GLN A 296 17.66 -29.73 12.57
C GLN A 296 18.81 -29.34 13.50
N ALA B 2 0.15 34.51 -0.53
CA ALA B 2 0.17 33.44 0.51
C ALA B 2 1.51 33.46 1.24
N SER B 3 1.55 32.90 2.46
N SER B 3 1.54 32.86 2.45
CA SER B 3 2.77 32.78 3.31
CA SER B 3 2.74 32.70 3.31
C SER B 3 3.87 32.06 2.51
C SER B 3 3.87 32.01 2.52
N GLU B 4 5.14 32.34 2.83
CA GLU B 4 6.32 31.66 2.23
C GLU B 4 6.31 30.18 2.61
N ALA B 5 5.66 29.85 3.74
CA ALA B 5 5.44 28.46 4.19
C ALA B 5 4.75 27.66 3.08
N LEU B 6 3.79 28.26 2.36
CA LEU B 6 3.04 27.54 1.30
C LEU B 6 4.04 27.05 0.25
N THR B 7 4.93 27.93 -0.22
CA THR B 7 5.88 27.59 -1.32
C THR B 7 6.74 26.42 -0.86
N MET B 8 7.18 26.47 0.40
CA MET B 8 8.11 25.43 0.92
C MET B 8 7.35 24.12 1.12
N ILE B 9 6.11 24.17 1.60
CA ILE B 9 5.29 22.93 1.77
C ILE B 9 5.05 22.30 0.41
N VAL B 10 4.69 23.09 -0.61
CA VAL B 10 4.44 22.56 -1.98
C VAL B 10 5.71 21.85 -2.47
N ASN B 11 6.86 22.49 -2.28
CA ASN B 11 8.18 21.94 -2.69
C ASN B 11 8.39 20.57 -2.00
N LEU B 12 8.20 20.51 -0.68
CA LEU B 12 8.42 19.26 0.07
C LEU B 12 7.44 18.20 -0.44
N LEU B 13 6.17 18.53 -0.64
CA LEU B 13 5.15 17.53 -1.09
C LEU B 13 5.45 17.03 -2.51
N ARG B 14 5.98 17.87 -3.40
N ARG B 14 5.98 17.88 -3.39
CA ARG B 14 6.36 17.47 -4.77
CA ARG B 14 6.37 17.47 -4.76
C ARG B 14 7.49 16.43 -4.72
C ARG B 14 7.45 16.39 -4.69
N SER B 15 8.30 16.43 -3.65
CA SER B 15 9.38 15.44 -3.42
C SER B 15 8.82 14.18 -2.74
N GLN B 16 7.92 14.34 -1.78
CA GLN B 16 7.36 13.21 -0.97
C GLN B 16 6.40 12.36 -1.81
N ARG B 17 5.51 12.99 -2.58
CA ARG B 17 4.59 12.31 -3.54
C ARG B 17 3.99 11.05 -2.90
N PRO B 18 3.30 11.14 -1.75
CA PRO B 18 2.85 9.93 -1.06
C PRO B 18 1.91 9.04 -1.90
N LEU B 19 1.09 9.62 -2.77
CA LEU B 19 0.09 8.85 -3.57
C LEU B 19 0.76 8.21 -4.80
N GLN B 20 2.04 8.48 -5.04
CA GLN B 20 2.81 7.86 -6.15
C GLN B 20 3.68 6.71 -5.64
N GLU B 21 3.58 6.32 -4.37
CA GLU B 21 4.31 5.15 -3.85
C GLU B 21 3.85 3.90 -4.60
N PRO B 22 4.77 2.95 -4.86
CA PRO B 22 4.48 1.87 -5.81
C PRO B 22 3.47 0.82 -5.37
N THR B 23 3.26 0.66 -4.06
CA THR B 23 2.30 -0.32 -3.50
C THR B 23 1.40 0.37 -2.47
N VAL B 24 0.25 -0.22 -2.19
N VAL B 24 0.25 -0.20 -2.16
CA VAL B 24 -0.70 0.23 -1.14
CA VAL B 24 -0.67 0.39 -1.14
C VAL B 24 0.05 0.41 0.19
C VAL B 24 0.02 0.41 0.23
N GLU B 25 0.85 -0.57 0.58
CA GLU B 25 1.51 -0.57 1.91
C GLU B 25 2.52 0.59 1.97
N GLN B 26 3.21 0.86 0.87
CA GLN B 26 4.20 1.96 0.82
C GLN B 26 3.46 3.31 0.81
N MET B 27 2.29 3.39 0.18
N MET B 27 2.29 3.37 0.17
CA MET B 27 1.46 4.62 0.23
CA MET B 27 1.40 4.56 0.19
C MET B 27 1.01 4.83 1.67
C MET B 27 0.97 4.82 1.63
N ARG B 28 0.56 3.78 2.36
CA ARG B 28 0.10 3.88 3.76
C ARG B 28 1.26 4.37 4.63
N ALA B 29 2.44 3.75 4.49
CA ALA B 29 3.63 4.10 5.30
C ALA B 29 4.08 5.53 4.97
N GLY B 30 4.01 5.96 3.72
CA GLY B 30 4.40 7.31 3.28
C GLY B 30 3.56 8.38 3.95
N LEU B 31 2.24 8.17 4.05
CA LEU B 31 1.36 9.15 4.70
C LEU B 31 1.61 9.14 6.21
N GLU B 32 1.82 7.98 6.81
CA GLU B 32 2.13 7.85 8.26
C GLU B 32 3.42 8.62 8.56
N ALA B 33 4.43 8.52 7.70
CA ALA B 33 5.73 9.22 7.86
C ALA B 33 5.51 10.73 7.87
N MET B 34 4.68 11.24 6.96
CA MET B 34 4.36 12.68 6.86
C MET B 34 3.64 13.15 8.14
N ALA B 35 2.67 12.38 8.63
CA ALA B 35 1.83 12.76 9.79
C ALA B 35 2.70 12.94 11.04
N GLN B 36 3.79 12.16 11.16
CA GLN B 36 4.74 12.20 12.30
C GLN B 36 5.41 13.58 12.41
N MET B 37 5.46 14.35 11.32
CA MET B 37 6.08 15.70 11.27
C MET B 37 5.26 16.70 12.11
N SER B 38 3.94 16.47 12.25
CA SER B 38 3.00 17.35 13.01
C SER B 38 2.51 16.62 14.26
N PRO B 39 3.32 16.57 15.35
CA PRO B 39 2.97 15.80 16.54
C PRO B 39 1.92 16.45 17.44
N LEU B 40 1.19 15.63 18.20
CA LEU B 40 0.03 16.02 19.04
C LEU B 40 0.49 16.93 20.17
N PRO B 41 -0.17 18.09 20.41
CA PRO B 41 0.03 18.86 21.63
C PRO B 41 -0.23 18.00 22.89
N ALA B 42 0.38 18.38 24.02
CA ALA B 42 0.37 17.63 25.28
C ALA B 42 -1.05 17.53 25.85
N ASP B 43 -1.90 18.52 25.58
CA ASP B 43 -3.26 18.66 26.18
C ASP B 43 -4.29 17.84 25.39
N VAL B 44 -3.90 17.19 24.30
CA VAL B 44 -4.84 16.34 23.50
C VAL B 44 -4.97 14.99 24.22
N GLU B 45 -6.20 14.55 24.45
CA GLU B 45 -6.53 13.22 25.00
C GLU B 45 -7.10 12.38 23.85
N LEU B 46 -6.48 11.23 23.58
N LEU B 46 -6.35 11.36 23.45
CA LEU B 46 -6.97 10.22 22.62
CA LEU B 46 -6.71 10.36 22.41
C LEU B 46 -7.36 8.96 23.39
C LEU B 46 -7.00 9.05 23.11
N THR B 47 -8.59 8.48 23.19
N THR B 47 -8.25 8.57 23.09
CA THR B 47 -9.14 7.26 23.83
CA THR B 47 -8.60 7.24 23.67
C THR B 47 -9.65 6.31 22.76
C THR B 47 -9.39 6.41 22.66
N THR B 48 -9.02 5.15 22.56
CA THR B 48 -9.54 4.15 21.60
C THR B 48 -10.90 3.66 22.09
N VAL B 49 -11.81 3.41 21.16
CA VAL B 49 -13.21 2.99 21.48
C VAL B 49 -13.70 2.08 20.37
N ASP B 50 -14.55 1.13 20.72
CA ASP B 50 -15.35 0.33 19.75
C ASP B 50 -16.61 1.12 19.47
N ALA B 51 -16.67 1.81 18.32
CA ALA B 51 -17.83 2.63 17.92
C ALA B 51 -18.87 1.72 17.25
N GLY B 52 -19.48 0.82 18.04
CA GLY B 52 -20.56 -0.06 17.59
C GLY B 52 -20.13 -1.02 16.50
N GLY B 53 -18.89 -1.52 16.57
CA GLY B 53 -18.34 -2.53 15.64
C GLY B 53 -17.38 -1.92 14.64
N VAL B 54 -17.06 -0.64 14.80
CA VAL B 54 -16.02 0.08 14.00
C VAL B 54 -14.98 0.62 14.97
N PRO B 55 -13.68 0.30 14.81
CA PRO B 55 -12.67 0.86 15.71
C PRO B 55 -12.58 2.38 15.52
N GLY B 56 -12.46 3.10 16.61
CA GLY B 56 -12.36 4.56 16.57
C GLY B 56 -11.52 5.08 17.70
N ALA B 57 -11.42 6.40 17.76
CA ALA B 57 -10.74 7.11 18.86
C ALA B 57 -11.52 8.38 19.15
N TRP B 58 -11.80 8.62 20.42
CA TRP B 58 -12.22 9.95 20.90
C TRP B 58 -11.01 10.88 20.85
N VAL B 59 -11.16 12.04 20.25
CA VAL B 59 -10.13 13.11 20.25
C VAL B 59 -10.72 14.30 20.99
N ARG B 60 -10.12 14.64 22.12
CA ARG B 60 -10.67 15.61 23.09
C ARG B 60 -9.57 16.57 23.49
N VAL B 61 -9.94 17.85 23.67
CA VAL B 61 -9.03 18.91 24.17
C VAL B 61 -9.71 19.53 25.38
N PRO B 62 -9.00 20.33 26.19
CA PRO B 62 -9.63 20.97 27.35
C PRO B 62 -10.95 21.72 27.04
N GLU B 63 -11.03 22.32 25.85
N GLU B 63 -11.05 22.33 25.86
CA GLU B 63 -12.13 23.16 25.33
CA GLU B 63 -12.22 23.16 25.46
C GLU B 63 -13.33 22.31 24.86
C GLU B 63 -13.38 22.29 24.94
N SER B 64 -13.15 21.00 24.70
CA SER B 64 -14.18 20.05 24.16
C SER B 64 -15.42 20.05 25.05
N ASP B 65 -16.56 20.48 24.50
CA ASP B 65 -17.88 20.26 25.14
C ASP B 65 -18.41 18.92 24.64
N PRO B 66 -18.55 17.90 25.50
CA PRO B 66 -18.98 16.57 25.08
C PRO B 66 -20.42 16.51 24.55
N ASP B 67 -21.22 17.55 24.77
CA ASP B 67 -22.60 17.63 24.22
C ASP B 67 -22.54 17.71 22.69
N ARG B 68 -21.42 18.16 22.12
CA ARG B 68 -21.28 18.32 20.66
C ARG B 68 -20.25 17.32 20.14
N VAL B 69 -20.55 16.67 19.04
CA VAL B 69 -19.66 15.62 18.49
C VAL B 69 -19.56 15.79 16.98
N VAL B 70 -18.33 15.70 16.49
CA VAL B 70 -18.06 15.55 15.04
C VAL B 70 -17.63 14.10 14.81
N LEU B 71 -18.34 13.40 13.93
CA LEU B 71 -17.86 12.12 13.35
C LEU B 71 -16.91 12.50 12.22
N TYR B 72 -15.62 12.21 12.37
CA TYR B 72 -14.58 12.62 11.39
C TYR B 72 -14.17 11.41 10.55
N LEU B 73 -14.25 11.59 9.22
CA LEU B 73 -13.98 10.55 8.20
C LEU B 73 -12.71 10.96 7.44
N HIS B 74 -11.60 10.28 7.72
CA HIS B 74 -10.28 10.66 7.18
C HIS B 74 -10.20 10.43 5.67
N GLY B 75 -9.33 11.19 5.02
CA GLY B 75 -9.00 11.00 3.60
C GLY B 75 -7.93 9.94 3.40
N GLY B 76 -7.53 9.77 2.14
CA GLY B 76 -6.61 8.70 1.74
C GLY B 76 -7.16 7.83 0.63
N GLY B 77 -8.05 8.35 -0.21
CA GLY B 77 -8.49 7.68 -1.44
C GLY B 77 -9.26 6.39 -1.18
N TYR B 78 -9.75 6.19 0.04
CA TYR B 78 -10.45 4.96 0.51
C TYR B 78 -9.48 3.78 0.65
N VAL B 79 -8.18 4.07 0.56
N VAL B 79 -8.17 4.05 0.56
CA VAL B 79 -7.09 3.03 0.54
CA VAL B 79 -7.13 2.99 0.59
C VAL B 79 -6.10 3.26 1.67
C VAL B 79 -6.07 3.25 1.67
N ILE B 80 -5.79 4.51 2.03
CA ILE B 80 -4.77 4.82 3.07
C ILE B 80 -5.37 5.73 4.14
N GLY B 81 -4.54 6.15 5.09
CA GLY B 81 -4.96 7.01 6.20
C GLY B 81 -5.39 6.19 7.39
N SER B 82 -5.42 6.83 8.54
CA SER B 82 -5.71 6.15 9.82
C SER B 82 -6.02 7.19 10.88
N ILE B 83 -6.34 6.71 12.07
CA ILE B 83 -6.42 7.57 13.28
C ILE B 83 -5.09 8.33 13.45
N ARG B 84 -3.96 7.67 13.21
N ARG B 84 -3.96 7.66 13.22
CA ARG B 84 -2.61 8.26 13.39
CA ARG B 84 -2.63 8.30 13.42
C ARG B 84 -2.38 9.39 12.39
C ARG B 84 -2.43 9.43 12.41
N THR B 85 -2.81 9.25 11.13
CA THR B 85 -2.55 10.28 10.10
C THR B 85 -3.40 11.53 10.37
N HIS B 86 -4.60 11.38 10.94
CA HIS B 86 -5.61 12.47 10.97
C HIS B 86 -5.90 12.96 12.40
N ARG B 87 -5.26 12.41 13.42
CA ARG B 87 -5.55 12.81 14.82
C ARG B 87 -5.17 14.28 15.02
N ASP B 88 -4.16 14.81 14.34
CA ASP B 88 -3.80 16.25 14.52
C ASP B 88 -4.90 17.15 13.92
N LEU B 89 -5.37 16.87 12.71
CA LEU B 89 -6.47 17.66 12.13
C LEU B 89 -7.70 17.54 13.06
N ALA B 90 -7.98 16.33 13.56
CA ALA B 90 -9.14 16.09 14.43
C ALA B 90 -9.04 16.95 15.69
N GLN B 91 -7.87 17.01 16.35
CA GLN B 91 -7.76 17.77 17.61
C GLN B 91 -7.90 19.27 17.31
N ARG B 92 -7.39 19.75 16.17
CA ARG B 92 -7.54 21.18 15.79
C ARG B 92 -9.02 21.51 15.60
N ILE B 93 -9.79 20.62 15.00
CA ILE B 93 -11.25 20.83 14.80
C ILE B 93 -11.95 20.79 16.16
N ALA B 94 -11.60 19.84 17.03
CA ALA B 94 -12.15 19.72 18.39
C ALA B 94 -11.96 21.04 19.12
N ARG B 95 -10.77 21.62 18.97
CA ARG B 95 -10.37 22.87 19.68
C ARG B 95 -11.17 24.05 19.15
N ALA B 96 -11.29 24.18 17.82
CA ALA B 96 -11.96 25.33 17.17
C ALA B 96 -13.47 25.24 17.35
N ALA B 97 -14.07 24.05 17.25
CA ALA B 97 -15.53 23.83 17.34
C ALA B 97 -15.96 23.62 18.80
N ARG B 98 -15.00 23.50 19.72
CA ARG B 98 -15.24 23.23 21.17
C ARG B 98 -16.16 22.01 21.30
N CYS B 99 -15.75 20.90 20.69
CA CYS B 99 -16.52 19.64 20.65
C CYS B 99 -15.57 18.45 20.87
N ARG B 100 -16.12 17.25 21.02
CA ARG B 100 -15.27 16.04 20.92
C ARG B 100 -15.42 15.49 19.50
N VAL B 101 -14.37 14.82 19.05
CA VAL B 101 -14.33 14.25 17.68
C VAL B 101 -14.23 12.73 17.83
N LEU B 102 -15.09 12.00 17.14
CA LEU B 102 -14.94 10.54 16.98
C LEU B 102 -14.27 10.30 15.64
N LEU B 103 -13.01 9.88 15.68
CA LEU B 103 -12.19 9.62 14.48
C LEU B 103 -12.18 8.12 14.24
N ILE B 104 -12.81 7.63 13.16
CA ILE B 104 -13.00 6.17 12.99
C ILE B 104 -11.97 5.58 12.03
N ASP B 105 -11.58 4.35 12.30
N ASP B 105 -11.50 4.37 12.33
CA ASP B 105 -10.69 3.53 11.44
CA ASP B 105 -10.67 3.54 11.42
C ASP B 105 -11.59 2.69 10.53
C ASP B 105 -11.62 2.70 10.57
N TYR B 106 -12.28 3.32 9.58
CA TYR B 106 -13.21 2.62 8.68
C TYR B 106 -12.40 1.66 7.79
N ARG B 107 -13.05 0.61 7.34
CA ARG B 107 -12.40 -0.44 6.52
C ARG B 107 -11.92 0.16 5.21
N LEU B 108 -10.70 -0.22 4.81
CA LEU B 108 -10.02 0.35 3.62
C LEU B 108 -9.95 -0.71 2.50
N ALA B 109 -9.99 -0.22 1.26
CA ALA B 109 -9.68 -0.98 0.04
C ALA B 109 -8.17 -1.07 -0.08
N PRO B 110 -7.60 -2.06 -0.80
CA PRO B 110 -8.35 -3.09 -1.52
C PRO B 110 -8.87 -4.27 -0.69
N GLU B 111 -8.48 -4.36 0.58
CA GLU B 111 -8.92 -5.48 1.46
C GLU B 111 -10.45 -5.46 1.57
N HIS B 112 -11.05 -4.28 1.71
CA HIS B 112 -12.50 -4.09 1.92
C HIS B 112 -13.03 -3.05 0.94
N PRO B 113 -13.44 -3.48 -0.28
CA PRO B 113 -13.96 -2.53 -1.26
C PRO B 113 -15.28 -1.89 -0.84
N HIS B 114 -15.66 -0.84 -1.56
CA HIS B 114 -17.01 -0.25 -1.48
C HIS B 114 -18.01 -1.39 -1.46
N PRO B 115 -19.05 -1.39 -0.58
CA PRO B 115 -19.41 -0.28 0.31
C PRO B 115 -18.95 -0.38 1.78
N ALA B 116 -17.86 -1.07 2.06
CA ALA B 116 -17.39 -1.27 3.45
C ALA B 116 -17.26 0.08 4.18
N ALA B 117 -16.67 1.09 3.54
CA ALA B 117 -16.41 2.39 4.20
C ALA B 117 -17.75 3.02 4.65
N VAL B 118 -18.76 2.95 3.79
N VAL B 118 -18.78 2.97 3.79
CA VAL B 118 -20.09 3.59 4.05
CA VAL B 118 -20.10 3.61 4.06
C VAL B 118 -20.81 2.77 5.13
C VAL B 118 -20.88 2.76 5.07
N GLU B 119 -20.68 1.44 5.10
CA GLU B 119 -21.25 0.58 6.17
C GLU B 119 -20.67 1.03 7.52
N ASP B 120 -19.37 1.30 7.57
CA ASP B 120 -18.68 1.65 8.84
C ASP B 120 -19.06 3.07 9.29
N SER B 121 -19.10 4.03 8.38
CA SER B 121 -19.43 5.44 8.76
C SER B 121 -20.87 5.49 9.28
N THR B 122 -21.81 4.83 8.62
CA THR B 122 -23.23 4.82 9.05
C THR B 122 -23.34 4.09 10.40
N ARG B 123 -22.61 2.98 10.57
CA ARG B 123 -22.63 2.21 11.85
C ARG B 123 -22.15 3.10 13.00
N ALA B 124 -21.08 3.87 12.80
CA ALA B 124 -20.50 4.76 13.83
C ALA B 124 -21.51 5.85 14.19
N TYR B 125 -22.16 6.42 13.18
CA TYR B 125 -23.16 7.49 13.40
C TYR B 125 -24.32 6.93 14.23
N ARG B 126 -24.85 5.77 13.83
CA ARG B 126 -25.99 5.12 14.54
C ARG B 126 -25.55 4.82 15.97
N TRP B 127 -24.29 4.43 16.19
CA TRP B 127 -23.76 4.14 17.54
C TRP B 127 -23.75 5.42 18.38
N LEU B 128 -23.37 6.56 17.81
CA LEU B 128 -23.44 7.85 18.53
C LEU B 128 -24.88 8.10 18.97
N LEU B 129 -25.87 7.87 18.10
CA LEU B 129 -27.30 8.05 18.48
C LEU B 129 -27.68 7.09 19.60
N GLU B 130 -27.26 5.82 19.49
CA GLU B 130 -27.57 4.75 20.47
C GLU B 130 -27.07 5.16 21.86
N THR B 131 -25.92 5.83 21.93
CA THR B 131 -25.25 6.19 23.20
C THR B 131 -25.68 7.59 23.66
N GLY B 132 -26.60 8.24 22.93
CA GLY B 132 -27.35 9.41 23.42
C GLY B 132 -26.97 10.73 22.77
N SER B 133 -26.16 10.75 21.70
CA SER B 133 -25.85 12.00 20.97
C SER B 133 -27.13 12.55 20.32
N ASP B 134 -27.30 13.87 20.32
CA ASP B 134 -28.47 14.55 19.71
C ASP B 134 -28.07 15.07 18.33
N PRO B 135 -28.81 14.71 17.26
CA PRO B 135 -28.49 15.20 15.91
C PRO B 135 -28.29 16.73 15.82
N LYS B 136 -29.03 17.51 16.60
CA LYS B 136 -28.93 18.99 16.64
C LYS B 136 -27.54 19.46 17.11
N ARG B 137 -26.77 18.58 17.74
N ARG B 137 -26.79 18.62 17.80
CA ARG B 137 -25.44 18.89 18.32
CA ARG B 137 -25.41 18.92 18.28
C ARG B 137 -24.37 18.00 17.65
C ARG B 137 -24.45 17.87 17.72
N MET B 138 -24.68 17.46 16.47
CA MET B 138 -23.77 16.52 15.76
C MET B 138 -23.40 17.12 14.40
N ALA B 139 -22.27 16.67 13.86
CA ALA B 139 -21.85 16.99 12.49
C ALA B 139 -21.03 15.82 11.98
N ILE B 140 -20.98 15.66 10.67
CA ILE B 140 -20.04 14.73 10.02
C ILE B 140 -19.08 15.57 9.21
N ALA B 141 -17.79 15.27 9.29
CA ALA B 141 -16.75 16.03 8.58
C ALA B 141 -15.76 15.04 8.00
N GLY B 142 -15.14 15.41 6.89
CA GLY B 142 -14.08 14.58 6.32
C GLY B 142 -13.32 15.31 5.25
N ASP B 143 -12.12 14.82 4.98
CA ASP B 143 -11.23 15.39 3.96
C ASP B 143 -11.11 14.42 2.79
N ALA B 144 -11.14 14.95 1.58
CA ALA B 144 -10.74 14.20 0.37
C ALA B 144 -11.68 13.00 0.22
N ALA B 145 -11.19 11.76 0.16
CA ALA B 145 -12.08 10.56 0.12
C ALA B 145 -13.09 10.66 1.28
N GLY B 146 -12.66 11.11 2.45
CA GLY B 146 -13.53 11.26 3.62
C GLY B 146 -14.58 12.32 3.44
N GLY B 147 -14.31 13.33 2.61
CA GLY B 147 -15.30 14.35 2.22
C GLY B 147 -16.37 13.75 1.33
N GLY B 148 -15.98 12.91 0.37
CA GLY B 148 -16.95 12.12 -0.39
C GLY B 148 -17.73 11.18 0.51
N LEU B 149 -17.04 10.52 1.43
CA LEU B 149 -17.69 9.56 2.35
C LEU B 149 -18.70 10.29 3.24
N THR B 150 -18.39 11.53 3.64
CA THR B 150 -19.33 12.37 4.44
C THR B 150 -20.65 12.49 3.69
N VAL B 151 -20.61 12.86 2.42
CA VAL B 151 -21.85 13.07 1.63
C VAL B 151 -22.57 11.73 1.46
N ALA B 152 -21.84 10.67 1.12
CA ALA B 152 -22.44 9.33 0.93
C ALA B 152 -23.08 8.85 2.24
N THR B 153 -22.45 9.10 3.38
CA THR B 153 -22.98 8.69 4.71
C THR B 153 -24.32 9.40 4.94
N LEU B 154 -24.39 10.70 4.67
CA LEU B 154 -25.65 11.47 4.86
C LEU B 154 -26.76 10.89 3.97
N VAL B 155 -26.44 10.58 2.71
CA VAL B 155 -27.44 10.00 1.78
C VAL B 155 -27.92 8.65 2.31
N ALA B 156 -27.00 7.78 2.72
CA ALA B 156 -27.33 6.43 3.22
C ALA B 156 -28.17 6.54 4.48
N LEU B 157 -27.80 7.44 5.41
CA LEU B 157 -28.56 7.62 6.68
C LEU B 157 -29.97 8.07 6.33
N ARG B 158 -30.12 9.05 5.45
CA ARG B 158 -31.46 9.57 5.08
C ARG B 158 -32.30 8.43 4.51
N ASP B 159 -31.75 7.63 3.61
CA ASP B 159 -32.48 6.52 2.93
C ASP B 159 -32.89 5.44 3.93
N ALA B 160 -32.18 5.32 5.05
CA ALA B 160 -32.46 4.34 6.12
C ALA B 160 -33.38 4.92 7.19
N GLY B 161 -33.84 6.16 7.03
CA GLY B 161 -34.76 6.81 7.99
C GLY B 161 -34.06 7.16 9.30
N VAL B 162 -32.76 7.43 9.24
CA VAL B 162 -31.98 7.88 10.44
C VAL B 162 -31.92 9.40 10.42
N PRO B 163 -32.17 10.09 11.56
CA PRO B 163 -32.11 11.54 11.60
C PRO B 163 -30.70 12.07 11.27
N LEU B 164 -30.64 13.07 10.39
CA LEU B 164 -29.36 13.64 9.91
C LEU B 164 -28.85 14.66 10.93
N PRO B 165 -27.52 14.93 10.94
CA PRO B 165 -26.94 15.89 11.86
C PRO B 165 -27.22 17.35 11.47
N ALA B 166 -26.75 18.29 12.29
CA ALA B 166 -27.01 19.73 12.14
C ALA B 166 -26.31 20.27 10.90
N ALA B 167 -25.18 19.68 10.54
CA ALA B 167 -24.30 20.25 9.49
C ALA B 167 -23.25 19.21 9.10
N ALA B 168 -22.61 19.45 7.98
CA ALA B 168 -21.51 18.58 7.52
C ALA B 168 -20.44 19.44 6.88
N VAL B 169 -19.22 18.93 6.88
CA VAL B 169 -18.01 19.67 6.42
C VAL B 169 -17.21 18.76 5.50
N CYS B 170 -16.87 19.27 4.32
CA CYS B 170 -16.08 18.56 3.31
C CYS B 170 -14.82 19.38 3.02
N LEU B 171 -13.66 18.81 3.28
CA LEU B 171 -12.35 19.47 3.01
C LEU B 171 -11.76 18.84 1.75
N SER B 172 -11.70 19.59 0.64
CA SER B 172 -11.17 19.09 -0.66
C SER B 172 -11.83 17.75 -1.00
N PRO B 173 -13.17 17.63 -0.99
CA PRO B 173 -13.81 16.34 -1.19
C PRO B 173 -13.50 15.70 -2.55
N TRP B 174 -13.42 14.38 -2.56
CA TRP B 174 -13.28 13.56 -3.78
C TRP B 174 -14.62 12.87 -4.04
N VAL B 175 -15.36 13.31 -5.06
CA VAL B 175 -16.73 12.83 -5.34
C VAL B 175 -16.85 12.33 -6.78
N ASP B 176 -15.84 12.56 -7.62
CA ASP B 176 -15.78 12.12 -9.04
C ASP B 176 -14.66 11.10 -9.18
N LEU B 177 -15.00 9.81 -9.20
N LEU B 177 -15.00 9.81 -9.21
CA LEU B 177 -13.99 8.71 -9.20
CA LEU B 177 -14.01 8.70 -9.22
C LEU B 177 -13.42 8.51 -10.61
C LEU B 177 -13.55 8.39 -10.65
N GLU B 178 -13.90 9.24 -11.62
CA GLU B 178 -13.39 9.14 -13.02
C GLU B 178 -12.36 10.26 -13.31
N GLY B 179 -12.26 11.27 -12.45
CA GLY B 179 -11.31 12.38 -12.65
C GLY B 179 -11.54 13.10 -13.96
N ILE B 180 -12.77 13.53 -14.23
CA ILE B 180 -13.14 14.20 -15.51
C ILE B 180 -13.44 15.67 -15.28
N GLY B 181 -13.18 16.21 -14.08
CA GLY B 181 -13.27 17.67 -13.86
C GLY B 181 -12.18 18.40 -14.67
N GLU B 182 -12.48 19.62 -15.12
CA GLU B 182 -11.51 20.40 -15.93
C GLU B 182 -10.20 20.61 -15.16
N SER B 183 -10.29 20.91 -13.85
CA SER B 183 -9.11 21.21 -13.01
C SER B 183 -8.16 20.00 -12.94
N MET B 184 -8.65 18.79 -13.19
CA MET B 184 -7.82 17.57 -13.16
C MET B 184 -6.73 17.68 -14.24
N THR B 185 -7.01 18.37 -15.34
N THR B 185 -7.04 18.31 -15.37
CA THR B 185 -6.05 18.56 -16.45
CA THR B 185 -6.06 18.58 -16.46
C THR B 185 -5.26 19.85 -16.24
C THR B 185 -5.25 19.83 -16.13
N THR B 186 -5.91 20.94 -15.88
CA THR B 186 -5.27 22.27 -15.68
C THR B 186 -4.12 22.20 -14.64
N LYS B 187 -4.29 21.43 -13.56
N LYS B 187 -4.35 21.51 -13.53
CA LYS B 187 -3.34 21.46 -12.42
CA LYS B 187 -3.53 21.60 -12.29
C LYS B 187 -2.54 20.16 -12.32
C LYS B 187 -2.65 20.34 -12.13
N ALA B 188 -2.54 19.33 -13.36
N ALA B 188 -2.53 19.53 -13.19
CA ALA B 188 -1.82 18.04 -13.39
CA ALA B 188 -1.77 18.27 -13.19
C ALA B 188 -0.35 18.23 -13.00
C ALA B 188 -0.33 18.49 -12.69
N ALA B 189 0.31 19.29 -13.46
N ALA B 189 0.34 19.55 -13.15
CA ALA B 189 1.77 19.48 -13.30
CA ALA B 189 1.78 19.79 -12.90
C ALA B 189 2.11 20.11 -11.94
C ALA B 189 1.98 20.81 -11.77
N VAL B 190 1.16 20.72 -11.22
N VAL B 190 0.89 21.39 -11.24
CA VAL B 190 1.45 21.68 -10.10
CA VAL B 190 0.96 22.25 -10.03
C VAL B 190 0.75 21.29 -8.78
C VAL B 190 0.69 21.40 -8.80
N ASP B 191 -0.38 20.60 -8.81
CA ASP B 191 -0.93 19.98 -7.58
C ASP B 191 0.12 19.00 -7.10
N PRO B 192 0.78 19.26 -5.95
CA PRO B 192 1.90 18.43 -5.52
C PRO B 192 1.48 17.08 -4.90
N MET B 193 0.18 16.84 -4.73
CA MET B 193 -0.34 15.66 -3.99
C MET B 193 -1.28 14.81 -4.85
N VAL B 194 -2.20 15.43 -5.58
CA VAL B 194 -3.29 14.69 -6.28
C VAL B 194 -3.14 14.90 -7.77
N GLN B 195 -3.02 13.81 -8.52
CA GLN B 195 -3.09 13.83 -10.02
C GLN B 195 -3.97 12.66 -10.46
N ARG B 196 -4.35 12.65 -11.72
CA ARG B 196 -5.40 11.73 -12.22
C ARG B 196 -4.97 10.26 -12.08
N GLU B 197 -3.73 9.90 -12.40
CA GLU B 197 -3.35 8.47 -12.47
C GLU B 197 -3.44 7.83 -11.08
N PRO B 198 -2.85 8.41 -10.00
CA PRO B 198 -3.05 7.86 -8.65
C PRO B 198 -4.51 7.82 -8.18
N LEU B 199 -5.30 8.85 -8.51
N LEU B 199 -5.27 8.87 -8.51
CA LEU B 199 -6.74 8.86 -8.17
CA LEU B 199 -6.73 8.96 -8.25
C LEU B 199 -7.45 7.67 -8.83
C LEU B 199 -7.43 7.72 -8.83
N LEU B 200 -7.19 7.42 -10.12
CA LEU B 200 -7.86 6.29 -10.83
C LEU B 200 -7.39 4.97 -10.22
N ARG B 201 -6.13 4.89 -9.81
CA ARG B 201 -5.57 3.68 -9.17
C ARG B 201 -6.34 3.38 -7.89
N MET B 202 -6.58 4.39 -7.05
N MET B 202 -6.55 4.40 -7.05
CA MET B 202 -7.29 4.20 -5.77
CA MET B 202 -7.29 4.31 -5.77
C MET B 202 -8.78 3.95 -6.04
C MET B 202 -8.76 3.98 -6.03
N ALA B 203 -9.38 4.64 -7.01
CA ALA B 203 -10.78 4.40 -7.40
C ALA B 203 -10.95 2.92 -7.78
N SER B 204 -10.02 2.38 -8.54
CA SER B 204 -10.10 0.97 -9.02
C SER B 204 -10.11 0.02 -7.81
N MET B 205 -9.27 0.27 -6.83
CA MET B 205 -9.18 -0.57 -5.61
C MET B 205 -10.46 -0.46 -4.80
N TYR B 206 -11.01 0.75 -4.64
CA TYR B 206 -12.26 0.98 -3.88
C TYR B 206 -13.45 0.31 -4.59
N LEU B 207 -13.52 0.43 -5.93
CA LEU B 207 -14.72 0.00 -6.68
C LEU B 207 -14.73 -1.51 -6.92
N ALA B 208 -13.57 -2.14 -7.08
CA ALA B 208 -13.45 -3.59 -7.34
C ALA B 208 -14.43 -3.98 -8.45
N GLY B 209 -14.45 -3.24 -9.56
CA GLY B 209 -15.24 -3.57 -10.76
C GLY B 209 -16.60 -2.89 -10.78
N GLN B 210 -17.02 -2.25 -9.70
CA GLN B 210 -18.33 -1.55 -9.64
C GLN B 210 -18.31 -0.30 -10.53
N ASP B 211 -19.49 0.11 -10.99
CA ASP B 211 -19.69 1.34 -11.80
C ASP B 211 -19.03 2.50 -11.08
N PRO B 212 -18.12 3.28 -11.72
CA PRO B 212 -17.50 4.43 -11.05
C PRO B 212 -18.48 5.57 -10.71
N ARG B 213 -19.72 5.50 -11.21
CA ARG B 213 -20.77 6.48 -10.87
C ARG B 213 -21.77 5.87 -9.88
N THR B 214 -21.43 4.75 -9.25
CA THR B 214 -22.20 4.16 -8.11
C THR B 214 -22.43 5.28 -7.09
N PRO B 215 -23.69 5.71 -6.84
CA PRO B 215 -23.95 6.91 -6.05
C PRO B 215 -23.28 6.98 -4.67
N LEU B 216 -23.22 5.88 -3.92
CA LEU B 216 -22.63 5.93 -2.55
C LEU B 216 -21.10 5.89 -2.62
N ALA B 217 -20.51 5.59 -3.78
CA ALA B 217 -19.05 5.66 -3.99
C ALA B 217 -18.68 7.03 -4.57
N ALA B 218 -19.56 7.59 -5.41
CA ALA B 218 -19.32 8.83 -6.18
C ALA B 218 -20.55 9.73 -6.00
N PRO B 219 -20.66 10.42 -4.83
CA PRO B 219 -21.91 11.07 -4.48
C PRO B 219 -22.29 12.31 -5.31
N LEU B 220 -21.44 12.69 -6.28
N LEU B 220 -21.45 12.73 -6.25
CA LEU B 220 -21.79 13.63 -7.37
CA LEU B 220 -21.87 13.66 -7.33
C LEU B 220 -23.02 13.10 -8.14
C LEU B 220 -23.19 13.13 -7.92
N TYR B 221 -23.30 11.80 -8.05
CA TYR B 221 -24.43 11.13 -8.76
C TYR B 221 -25.50 10.67 -7.79
N ALA B 222 -25.40 11.05 -6.52
CA ALA B 222 -26.38 10.67 -5.49
C ALA B 222 -27.51 11.70 -5.44
N ASP B 223 -28.65 11.29 -4.89
CA ASP B 223 -29.79 12.20 -4.57
C ASP B 223 -29.42 12.94 -3.27
N LEU B 224 -29.16 14.24 -3.35
CA LEU B 224 -28.67 15.02 -2.18
C LEU B 224 -29.82 15.76 -1.50
N ARG B 225 -31.06 15.60 -1.94
CA ARG B 225 -32.19 16.38 -1.36
C ARG B 225 -32.32 16.03 0.13
N GLY B 226 -32.51 17.05 0.96
CA GLY B 226 -32.75 16.90 2.40
C GLY B 226 -31.49 16.96 3.22
N LEU B 227 -30.31 17.06 2.60
CA LEU B 227 -29.05 17.08 3.38
C LEU B 227 -28.95 18.40 4.14
N PRO B 228 -28.27 18.39 5.30
CA PRO B 228 -28.14 19.58 6.13
C PRO B 228 -27.10 20.52 5.56
N PRO B 229 -26.97 21.73 6.14
CA PRO B 229 -26.02 22.72 5.65
C PRO B 229 -24.60 22.13 5.53
N LEU B 230 -23.98 22.42 4.40
N LEU B 230 -23.92 22.46 4.44
CA LEU B 230 -22.62 21.91 4.04
CA LEU B 230 -22.64 21.85 4.05
C LEU B 230 -21.64 23.07 3.98
C LEU B 230 -21.57 22.93 3.84
N LEU B 231 -20.47 22.87 4.59
CA LEU B 231 -19.29 23.73 4.34
C LEU B 231 -18.34 22.93 3.47
N ILE B 232 -17.99 23.47 2.31
CA ILE B 232 -16.97 22.87 1.41
C ILE B 232 -15.79 23.83 1.38
N GLN B 233 -14.64 23.41 1.89
CA GLN B 233 -13.37 24.18 1.77
C GLN B 233 -12.52 23.47 0.74
N VAL B 234 -11.94 24.22 -0.20
CA VAL B 234 -11.13 23.65 -1.30
C VAL B 234 -10.08 24.67 -1.67
N GLY B 235 -8.92 24.22 -2.12
CA GLY B 235 -7.87 25.13 -2.58
C GLY B 235 -7.98 25.41 -4.07
N THR B 236 -7.65 26.61 -4.52
CA THR B 236 -7.74 26.95 -5.97
C THR B 236 -6.59 26.29 -6.74
N ALA B 237 -5.53 25.86 -6.04
N ALA B 237 -5.56 25.77 -6.07
CA ALA B 237 -4.38 25.10 -6.59
CA ALA B 237 -4.40 25.14 -6.77
C ALA B 237 -4.62 23.60 -6.38
C ALA B 237 -4.61 23.63 -6.96
N GLU B 238 -5.83 23.13 -6.70
CA GLU B 238 -6.13 21.68 -6.59
C GLU B 238 -6.69 21.09 -7.89
N THR B 239 -6.20 19.92 -8.29
CA THR B 239 -6.85 19.13 -9.35
C THR B 239 -8.28 18.79 -8.92
N LEU B 240 -8.56 18.65 -7.62
CA LEU B 240 -9.93 18.34 -7.14
C LEU B 240 -10.78 19.60 -6.98
N LEU B 241 -10.33 20.78 -7.42
CA LEU B 241 -11.15 22.00 -7.32
C LEU B 241 -12.53 21.73 -7.93
N ASP B 242 -12.59 21.14 -9.13
CA ASP B 242 -13.89 20.98 -9.83
C ASP B 242 -14.76 19.91 -9.15
N ASP B 243 -14.21 19.04 -8.31
CA ASP B 243 -15.05 18.14 -7.49
C ASP B 243 -15.89 18.99 -6.54
N SER B 244 -15.29 19.99 -5.90
CA SER B 244 -15.99 20.89 -4.96
C SER B 244 -17.00 21.76 -5.72
N VAL B 245 -16.61 22.27 -6.89
CA VAL B 245 -17.50 23.15 -7.69
C VAL B 245 -18.73 22.34 -8.10
N ARG B 246 -18.53 21.13 -8.60
CA ARG B 246 -19.65 20.28 -9.07
C ARG B 246 -20.48 19.82 -7.87
N LEU B 247 -19.86 19.50 -6.74
CA LEU B 247 -20.63 19.08 -5.54
C LEU B 247 -21.53 20.24 -5.11
N ALA B 248 -20.99 21.45 -5.03
CA ALA B 248 -21.76 22.64 -4.61
C ALA B 248 -22.93 22.85 -5.58
N GLU B 249 -22.68 22.74 -6.88
CA GLU B 249 -23.75 22.89 -7.90
C GLU B 249 -24.85 21.85 -7.65
N ARG B 250 -24.47 20.58 -7.48
N ARG B 250 -24.47 20.58 -7.51
CA ARG B 250 -25.45 19.47 -7.34
CA ARG B 250 -25.41 19.44 -7.32
C ARG B 250 -26.21 19.65 -6.03
C ARG B 250 -26.20 19.64 -6.04
N ALA B 251 -25.52 19.96 -4.94
CA ALA B 251 -26.16 20.13 -3.61
C ALA B 251 -27.12 21.32 -3.66
N ARG B 252 -26.72 22.45 -4.25
CA ARG B 252 -27.62 23.63 -4.35
C ARG B 252 -28.84 23.28 -5.21
N ALA B 253 -28.66 22.53 -6.30
CA ALA B 253 -29.76 22.12 -7.20
C ALA B 253 -30.73 21.20 -6.44
N ALA B 254 -30.26 20.55 -5.38
CA ALA B 254 -31.06 19.66 -4.50
C ALA B 254 -31.61 20.42 -3.27
N GLY B 255 -31.43 21.73 -3.20
CA GLY B 255 -32.00 22.56 -2.12
C GLY B 255 -31.18 22.52 -0.84
N VAL B 256 -29.93 22.09 -0.92
CA VAL B 256 -29.01 22.04 0.25
C VAL B 256 -28.33 23.41 0.39
N GLN B 257 -28.20 23.90 1.62
N GLN B 257 -28.28 23.94 1.61
CA GLN B 257 -27.53 25.19 1.93
CA GLN B 257 -27.52 25.16 1.91
C GLN B 257 -26.02 24.96 1.92
C GLN B 257 -26.04 24.81 1.81
N VAL B 258 -25.32 25.48 0.91
CA VAL B 258 -23.87 25.21 0.72
C VAL B 258 -23.09 26.50 0.95
N THR B 259 -22.05 26.40 1.75
CA THR B 259 -20.99 27.43 1.84
C THR B 259 -19.75 26.86 1.16
N LEU B 260 -19.42 27.39 -0.01
CA LEU B 260 -18.27 26.92 -0.82
C LEU B 260 -17.17 27.96 -0.67
N GLU B 261 -16.06 27.57 -0.06
CA GLU B 261 -14.91 28.47 0.19
C GLU B 261 -13.73 27.98 -0.62
N PRO B 262 -13.46 28.55 -1.82
CA PRO B 262 -12.23 28.27 -2.54
C PRO B 262 -11.13 29.22 -2.04
N TRP B 263 -10.16 28.68 -1.30
CA TRP B 263 -9.06 29.45 -0.67
C TRP B 263 -7.94 29.63 -1.70
N GLU B 264 -7.63 30.88 -2.03
CA GLU B 264 -6.68 31.24 -3.11
C GLU B 264 -5.32 30.58 -2.84
N ASP B 265 -4.81 29.85 -3.84
CA ASP B 265 -3.45 29.24 -3.89
C ASP B 265 -3.34 28.03 -2.95
N MET B 266 -4.39 27.66 -2.21
CA MET B 266 -4.25 26.57 -1.24
C MET B 266 -4.24 25.22 -1.95
N ILE B 267 -3.63 24.25 -1.29
CA ILE B 267 -3.35 22.89 -1.80
C ILE B 267 -4.27 21.90 -1.09
N HIS B 268 -4.25 20.67 -1.54
CA HIS B 268 -5.12 19.56 -1.06
C HIS B 268 -5.03 19.43 0.46
N VAL B 269 -6.18 19.53 1.14
CA VAL B 269 -6.31 19.40 2.62
C VAL B 269 -5.19 20.22 3.27
N TRP B 270 -5.03 21.47 2.86
CA TRP B 270 -4.02 22.39 3.45
C TRP B 270 -4.24 22.53 4.97
N GLN B 271 -5.46 22.28 5.45
CA GLN B 271 -5.80 22.33 6.90
C GLN B 271 -4.90 21.38 7.68
N ALA B 272 -4.49 20.25 7.08
CA ALA B 272 -3.64 19.25 7.75
C ALA B 272 -2.24 19.81 8.05
N PHE B 273 -1.84 20.91 7.40
CA PHE B 273 -0.50 21.52 7.53
C PHE B 273 -0.55 22.74 8.46
N ALA B 274 -1.61 22.88 9.25
CA ALA B 274 -1.88 24.07 10.11
C ALA B 274 -0.73 24.35 11.09
N ALA B 275 0.06 23.35 11.47
CA ALA B 275 1.22 23.57 12.39
C ALA B 275 2.20 24.58 11.77
N MET B 276 2.37 24.53 10.45
N MET B 276 2.39 24.53 10.45
CA MET B 276 3.40 25.32 9.72
CA MET B 276 3.42 25.34 9.75
C MET B 276 2.75 26.33 8.76
C MET B 276 2.82 26.16 8.61
N LEU B 277 1.49 26.12 8.39
CA LEU B 277 0.80 26.93 7.35
C LEU B 277 -0.31 27.75 8.01
N PRO B 278 -0.12 29.08 8.20
CA PRO B 278 -1.14 29.90 8.83
C PRO B 278 -2.54 29.78 8.21
N GLU B 279 -2.63 29.69 6.87
CA GLU B 279 -3.92 29.54 6.15
C GLU B 279 -4.61 28.23 6.58
N GLY B 280 -3.83 27.20 6.95
CA GLY B 280 -4.38 25.95 7.50
C GLY B 280 -5.13 26.21 8.79
N GLN B 281 -4.51 26.91 9.73
CA GLN B 281 -5.16 27.21 11.03
C GLN B 281 -6.33 28.17 10.79
N GLN B 282 -6.20 29.14 9.90
CA GLN B 282 -7.29 30.11 9.59
C GLN B 282 -8.52 29.33 9.09
N ALA B 283 -8.30 28.36 8.21
CA ALA B 283 -9.41 27.55 7.63
C ALA B 283 -10.07 26.72 8.73
N ILE B 284 -9.29 26.17 9.66
CA ILE B 284 -9.84 25.36 10.78
C ILE B 284 -10.65 26.26 11.70
N GLU B 285 -10.22 27.50 11.93
CA GLU B 285 -11.00 28.45 12.75
C GLU B 285 -12.37 28.67 12.07
N ARG B 286 -12.40 28.76 10.75
CA ARG B 286 -13.66 28.92 9.97
C ARG B 286 -14.54 27.67 10.14
N ILE B 287 -13.96 26.48 10.11
CA ILE B 287 -14.71 25.22 10.35
C ILE B 287 -15.39 25.31 11.72
N GLY B 288 -14.64 25.71 12.75
CA GLY B 288 -15.18 25.85 14.12
C GLY B 288 -16.32 26.84 14.18
N GLU B 289 -16.19 27.99 13.50
CA GLU B 289 -17.24 29.03 13.46
C GLU B 289 -18.51 28.46 12.80
N PHE B 290 -18.34 27.79 11.67
CA PHE B 290 -19.45 27.17 10.90
C PHE B 290 -20.19 26.17 11.81
N LEU B 291 -19.47 25.27 12.47
CA LEU B 291 -20.13 24.23 13.31
C LEU B 291 -20.83 24.90 14.49
N ARG B 292 -20.17 25.82 15.18
CA ARG B 292 -20.76 26.47 16.38
C ARG B 292 -22.02 27.24 15.97
N GLN B 293 -22.03 27.84 14.79
CA GLN B 293 -23.22 28.56 14.25
C GLN B 293 -24.40 27.60 14.12
N HIS B 294 -24.19 26.41 13.55
CA HIS B 294 -25.27 25.46 13.23
C HIS B 294 -25.70 24.68 14.48
N TRP B 295 -24.91 24.75 15.56
CA TRP B 295 -25.23 24.09 16.86
C TRP B 295 -25.95 25.05 17.81
N GLN B 296 -26.10 26.34 17.44
CA GLN B 296 -26.83 27.33 18.27
C GLN B 296 -28.29 26.87 18.45
#